data_7LUH
#
_entry.id   7LUH
#
_cell.length_a   59.539
_cell.length_b   62.941
_cell.length_c   69.363
_cell.angle_alpha   90.000
_cell.angle_beta   90.000
_cell.angle_gamma   90.000
#
_symmetry.space_group_name_H-M   'P 21 21 21'
#
loop_
_entity.id
_entity.type
_entity.pdbx_description
1 polymer 'Thiol:disulfide interchange protein'
2 non-polymer (2~{R})-2-(4-bromanylphenoxy)propanamide
3 water water
#
_entity_poly.entity_id   1
_entity_poly.type   'polypeptide(L)'
_entity_poly.pdbx_seq_one_letter_code
;SNAAGFAQASPSAPVAGKDFEVMKSPQPVSAPAGKVEVIEFFWYGCPHCYEFEPTIEAWVKKQGDKIAFKRVPVAFRDDF
VPHSKLFYALAALGVSEKVTPAVFNAIHKEKNYLLTPQAQADFLATQGVDKKKFLDAYNSFSVQGQVKQSAELLKNYNID
GVPTIVVQGKYKTGPAYTNSLEGTAQVLDFLVKQVQDKKL
;
_entity_poly.pdbx_strand_id   A
#
loop_
_chem_comp.id
_chem_comp.type
_chem_comp.name
_chem_comp.formula
YCS non-polymer (2~{R})-2-(4-bromanylphenoxy)propanamide 'C9 H10 Br N O2'
#
# COMPACT_ATOMS: atom_id res chain seq x y z
N SER A 10 25.36 -1.65 -13.04
CA SER A 10 25.23 -0.43 -13.82
C SER A 10 24.69 -0.69 -15.23
N PRO A 11 25.31 -1.63 -15.98
CA PRO A 11 24.68 -2.06 -17.24
C PRO A 11 23.34 -2.73 -17.02
N SER A 12 23.15 -3.37 -15.86
CA SER A 12 21.86 -3.94 -15.51
C SER A 12 21.00 -3.01 -14.65
N ALA A 13 21.42 -1.76 -14.45
CA ALA A 13 20.66 -0.87 -13.58
C ALA A 13 19.29 -0.59 -14.19
N PRO A 14 18.27 -0.38 -13.37
CA PRO A 14 16.96 0.00 -13.91
C PRO A 14 17.07 1.26 -14.77
N VAL A 15 16.21 1.35 -15.78
CA VAL A 15 16.25 2.43 -16.78
C VAL A 15 15.15 3.43 -16.43
N ALA A 16 15.54 4.70 -16.25
CA ALA A 16 14.55 5.71 -15.92
C ALA A 16 13.60 5.91 -17.09
N GLY A 17 12.32 6.06 -16.78
CA GLY A 17 11.31 6.15 -17.79
C GLY A 17 10.75 4.83 -18.25
N LYS A 18 11.46 3.73 -18.00
CA LYS A 18 10.97 2.41 -18.38
C LYS A 18 10.67 1.56 -17.15
N ASP A 19 11.70 1.28 -16.34
CA ASP A 19 11.55 0.47 -15.14
C ASP A 19 11.00 1.26 -13.98
N PHE A 20 11.11 2.59 -14.03
CA PHE A 20 10.49 3.46 -13.05
C PHE A 20 10.25 4.80 -13.73
N GLU A 21 9.42 5.62 -13.10
CA GLU A 21 8.99 6.91 -13.61
C GLU A 21 9.45 8.00 -12.66
N VAL A 22 10.00 9.07 -13.22
CA VAL A 22 10.36 10.26 -12.46
C VAL A 22 9.17 11.21 -12.50
N MET A 23 8.53 11.43 -11.34
CA MET A 23 7.33 12.25 -11.29
C MET A 23 7.67 13.68 -11.67
N LYS A 24 6.80 14.31 -12.48
CA LYS A 24 7.00 15.70 -12.83
C LYS A 24 6.76 16.62 -11.63
N SER A 25 5.96 16.18 -10.67
CA SER A 25 5.63 16.98 -9.49
C SER A 25 5.89 16.15 -8.24
N PRO A 26 7.13 16.14 -7.75
CA PRO A 26 7.44 15.35 -6.55
C PRO A 26 6.64 15.82 -5.34
N GLN A 27 6.32 14.90 -4.47
CA GLN A 27 5.45 15.19 -3.35
C GLN A 27 6.22 15.33 -2.06
N PRO A 28 5.67 16.07 -1.07
CA PRO A 28 6.40 16.20 0.21
C PRO A 28 6.70 14.85 0.82
N VAL A 29 7.90 14.73 1.39
CA VAL A 29 8.37 13.50 2.00
C VAL A 29 8.14 13.57 3.51
N SER A 30 7.42 12.59 4.03
CA SER A 30 7.11 12.53 5.45
C SER A 30 8.13 11.74 6.27
N ALA A 31 9.20 11.39 5.69
CA ALA A 31 10.22 10.67 6.45
C ALA A 31 11.26 11.65 7.00
N PRO A 32 11.84 11.32 8.14
CA PRO A 32 12.89 12.17 8.71
C PRO A 32 14.20 12.00 7.95
N ALA A 33 15.06 13.01 8.08
CA ALA A 33 16.40 12.94 7.50
C ALA A 33 17.01 11.58 7.83
N GLY A 34 17.73 11.01 6.86
CA GLY A 34 18.35 9.72 7.07
C GLY A 34 17.47 8.52 6.85
N LYS A 35 16.19 8.71 6.51
CA LYS A 35 15.30 7.63 6.16
C LYS A 35 14.76 7.89 4.76
N VAL A 36 14.65 6.84 3.96
CA VAL A 36 14.05 6.95 2.64
C VAL A 36 12.57 6.61 2.78
N GLU A 37 11.71 7.44 2.22
CA GLU A 37 10.29 7.19 2.29
C GLU A 37 9.90 6.21 1.17
N VAL A 38 9.11 5.19 1.53
CA VAL A 38 8.59 4.24 0.57
C VAL A 38 7.08 4.13 0.79
N ILE A 39 6.30 4.31 -0.27
CA ILE A 39 4.84 4.21 -0.20
C ILE A 39 4.37 3.11 -1.16
N GLU A 40 3.52 2.21 -0.66
CA GLU A 40 2.86 1.23 -1.53
C GLU A 40 1.38 1.57 -1.64
N PHE A 41 0.97 2.00 -2.83
CA PHE A 41 -0.45 2.08 -3.16
C PHE A 41 -0.93 0.68 -3.57
N PHE A 42 -1.97 0.19 -2.91
CA PHE A 42 -2.40 -1.20 -3.12
C PHE A 42 -3.92 -1.26 -2.95
N TRP A 43 -4.51 -2.39 -3.33
CA TRP A 43 -5.92 -2.66 -3.10
C TRP A 43 -6.02 -4.09 -2.60
N TYR A 44 -6.84 -4.31 -1.57
CA TYR A 44 -6.97 -5.67 -1.06
C TYR A 44 -7.37 -6.67 -2.15
N GLY A 45 -8.16 -6.22 -3.14
CA GLY A 45 -8.67 -7.11 -4.16
C GLY A 45 -7.75 -7.36 -5.33
N CYS A 46 -6.56 -6.77 -5.31
CA CYS A 46 -5.62 -6.80 -6.42
CA CYS A 46 -5.63 -6.81 -6.42
C CYS A 46 -4.74 -8.05 -6.34
N PRO A 47 -4.82 -8.97 -7.30
CA PRO A 47 -4.05 -10.22 -7.16
C PRO A 47 -2.55 -9.99 -7.06
N HIS A 48 -1.99 -9.07 -7.83
CA HIS A 48 -0.55 -8.84 -7.72
C HIS A 48 -0.19 -8.20 -6.39
N CYS A 49 -1.11 -7.42 -5.79
CA CYS A 49 -0.85 -6.87 -4.47
CA CYS A 49 -0.86 -6.87 -4.47
C CYS A 49 -0.78 -7.98 -3.44
N TYR A 50 -1.74 -8.90 -3.48
CA TYR A 50 -1.73 -10.10 -2.66
C TYR A 50 -0.43 -10.87 -2.81
N GLU A 51 -0.06 -11.18 -4.06
CA GLU A 51 1.15 -11.97 -4.29
C GLU A 51 2.39 -11.26 -3.80
N PHE A 52 2.41 -9.93 -3.88
CA PHE A 52 3.57 -9.15 -3.48
C PHE A 52 3.74 -9.04 -1.98
N GLU A 53 2.68 -9.27 -1.20
CA GLU A 53 2.75 -9.04 0.24
C GLU A 53 3.97 -9.68 0.90
N PRO A 54 4.25 -10.98 0.75
CA PRO A 54 5.42 -11.55 1.45
C PRO A 54 6.73 -10.94 0.99
N THR A 55 6.80 -10.53 -0.26
CA THR A 55 8.03 -9.95 -0.80
C THR A 55 8.29 -8.58 -0.19
N ILE A 56 7.27 -7.71 -0.18
CA ILE A 56 7.47 -6.37 0.35
C ILE A 56 7.57 -6.40 1.88
N GLU A 57 6.81 -7.27 2.54
CA GLU A 57 6.96 -7.42 3.99
C GLU A 57 8.40 -7.73 4.36
N ALA A 58 8.99 -8.74 3.72
CA ALA A 58 10.35 -9.13 4.08
C ALA A 58 11.35 -8.01 3.79
N TRP A 59 11.18 -7.35 2.63
CA TRP A 59 12.10 -6.30 2.25
C TRP A 59 12.03 -5.12 3.21
N VAL A 60 10.81 -4.71 3.56
CA VAL A 60 10.63 -3.63 4.53
C VAL A 60 11.26 -4.00 5.86
N LYS A 61 10.97 -5.20 6.37
CA LYS A 61 11.55 -5.63 7.63
C LYS A 61 13.07 -5.67 7.57
N LYS A 62 13.64 -6.02 6.42
CA LYS A 62 15.10 -6.05 6.31
C LYS A 62 15.69 -4.65 6.37
N GLN A 63 15.02 -3.66 5.78
CA GLN A 63 15.57 -2.31 5.75
C GLN A 63 15.57 -1.71 7.15
N GLY A 64 14.53 -2.02 7.94
CA GLY A 64 14.48 -1.57 9.31
C GLY A 64 14.35 -0.06 9.40
N ASP A 65 15.18 0.55 10.25
CA ASP A 65 15.14 2.00 10.44
CA ASP A 65 15.15 1.99 10.44
C ASP A 65 15.71 2.77 9.25
N LYS A 66 16.15 2.10 8.19
CA LYS A 66 16.66 2.83 7.04
C LYS A 66 15.56 3.48 6.22
N ILE A 67 14.30 3.09 6.40
CA ILE A 67 13.21 3.59 5.57
C ILE A 67 12.02 3.95 6.47
N ALA A 68 11.11 4.72 5.90
CA ALA A 68 9.78 4.97 6.47
C ALA A 68 8.77 4.46 5.45
N PHE A 69 8.10 3.37 5.78
CA PHE A 69 7.23 2.68 4.84
C PHE A 69 5.78 2.82 5.26
N LYS A 70 4.91 3.08 4.28
CA LYS A 70 3.47 3.06 4.55
C LYS A 70 2.73 2.52 3.34
N ARG A 71 1.54 2.00 3.60
CA ARG A 71 0.62 1.62 2.55
C ARG A 71 -0.51 2.64 2.47
N VAL A 72 -1.02 2.84 1.26
CA VAL A 72 -2.18 3.68 1.02
C VAL A 72 -3.16 2.80 0.23
N PRO A 73 -4.36 2.54 0.75
CA PRO A 73 -5.35 1.77 -0.02
C PRO A 73 -5.90 2.60 -1.18
N VAL A 74 -6.33 1.88 -2.21
CA VAL A 74 -6.82 2.44 -3.46
C VAL A 74 -8.22 1.90 -3.73
N ALA A 75 -9.16 2.81 -3.98
CA ALA A 75 -10.52 2.48 -4.40
C ALA A 75 -10.77 3.19 -5.73
N PHE A 76 -10.49 2.46 -6.81
CA PHE A 76 -10.72 2.97 -8.16
C PHE A 76 -12.21 3.13 -8.47
N ARG A 77 -13.08 2.52 -7.68
CA ARG A 77 -14.51 2.51 -7.92
C ARG A 77 -15.21 2.75 -6.60
N ASP A 78 -16.42 3.31 -6.64
CA ASP A 78 -17.19 3.51 -5.42
C ASP A 78 -17.38 2.21 -4.64
N ASP A 79 -17.57 1.10 -5.35
CA ASP A 79 -17.81 -0.19 -4.70
C ASP A 79 -16.67 -0.63 -3.82
N PHE A 80 -15.47 -0.10 -4.02
CA PHE A 80 -14.33 -0.52 -3.22
C PHE A 80 -13.93 0.49 -2.16
N VAL A 81 -14.67 1.59 -2.00
CA VAL A 81 -14.37 2.50 -0.88
C VAL A 81 -14.45 1.74 0.43
N PRO A 82 -15.35 0.77 0.62
CA PRO A 82 -15.33 0.00 1.87
C PRO A 82 -14.01 -0.71 2.14
N HIS A 83 -13.21 -1.01 1.11
CA HIS A 83 -11.91 -1.61 1.36
C HIS A 83 -10.89 -0.60 1.88
N SER A 84 -11.03 0.67 1.52
CA SER A 84 -10.20 1.69 2.14
C SER A 84 -10.66 2.00 3.56
N LYS A 85 -11.97 2.03 3.80
CA LYS A 85 -12.44 2.16 5.17
C LYS A 85 -11.97 0.99 6.01
N LEU A 86 -11.98 -0.22 5.45
CA LEU A 86 -11.52 -1.39 6.19
C LEU A 86 -10.06 -1.23 6.58
N PHE A 87 -9.23 -0.79 5.64
CA PHE A 87 -7.80 -0.61 5.91
C PHE A 87 -7.58 0.35 7.07
N TYR A 88 -8.26 1.49 7.05
CA TYR A 88 -8.01 2.47 8.11
C TYR A 88 -8.69 2.07 9.41
N ALA A 89 -9.81 1.35 9.36
CA ALA A 89 -10.43 0.88 10.59
C ALA A 89 -9.53 -0.14 11.30
N LEU A 90 -8.89 -1.03 10.53
CA LEU A 90 -7.98 -1.99 11.14
C LEU A 90 -6.83 -1.27 11.83
N ALA A 91 -6.28 -0.26 11.16
CA ALA A 91 -5.19 0.49 11.75
C ALA A 91 -5.64 1.22 13.01
N ALA A 92 -6.84 1.78 12.98
CA ALA A 92 -7.33 2.48 14.17
C ALA A 92 -7.47 1.53 15.34
N LEU A 93 -7.83 0.27 15.07
CA LEU A 93 -7.94 -0.70 16.14
C LEU A 93 -6.61 -1.30 16.57
N GLY A 94 -5.57 -1.10 15.77
CA GLY A 94 -4.28 -1.68 16.08
C GLY A 94 -4.16 -3.16 15.80
N VAL A 95 -4.97 -3.70 14.89
CA VAL A 95 -4.99 -5.13 14.59
C VAL A 95 -4.56 -5.42 13.15
N SER A 96 -3.97 -4.44 12.46
CA SER A 96 -3.64 -4.62 11.04
C SER A 96 -2.68 -5.78 10.83
N GLU A 97 -1.55 -5.77 11.53
CA GLU A 97 -0.59 -6.87 11.38
C GLU A 97 -1.22 -8.21 11.67
N LYS A 98 -2.15 -8.26 12.62
CA LYS A 98 -2.69 -9.55 13.06
C LYS A 98 -3.61 -10.15 12.01
N VAL A 99 -4.56 -9.36 11.48
CA VAL A 99 -5.67 -9.93 10.72
C VAL A 99 -5.56 -9.75 9.21
N THR A 100 -4.63 -8.92 8.74
CA THR A 100 -4.59 -8.62 7.31
C THR A 100 -4.33 -9.85 6.44
N PRO A 101 -3.43 -10.76 6.80
CA PRO A 101 -3.32 -12.02 6.02
C PRO A 101 -4.68 -12.72 5.85
N ALA A 102 -5.46 -12.83 6.92
CA ALA A 102 -6.77 -13.47 6.82
C ALA A 102 -7.72 -12.66 5.94
N VAL A 103 -7.58 -11.33 5.92
CA VAL A 103 -8.40 -10.50 5.04
C VAL A 103 -8.06 -10.79 3.58
N PHE A 104 -6.77 -10.78 3.24
CA PHE A 104 -6.37 -11.15 1.89
C PHE A 104 -6.86 -12.55 1.53
N ASN A 105 -6.72 -13.50 2.47
CA ASN A 105 -7.13 -14.87 2.20
C ASN A 105 -8.64 -14.96 1.91
N ALA A 106 -9.44 -14.23 2.68
CA ALA A 106 -10.89 -14.26 2.47
C ALA A 106 -11.23 -13.85 1.05
N ILE A 107 -10.60 -12.78 0.57
CA ILE A 107 -10.94 -12.24 -0.74
C ILE A 107 -10.42 -13.14 -1.84
N HIS A 108 -9.18 -13.58 -1.72
CA HIS A 108 -8.54 -14.22 -2.85
C HIS A 108 -8.71 -15.72 -2.86
N LYS A 109 -9.01 -16.34 -1.73
CA LYS A 109 -9.12 -17.78 -1.66
C LYS A 109 -10.48 -18.27 -1.20
N GLU A 110 -11.19 -17.52 -0.37
CA GLU A 110 -12.47 -17.96 0.17
C GLU A 110 -13.64 -17.34 -0.57
N LYS A 111 -13.38 -16.48 -1.56
CA LYS A 111 -14.42 -15.81 -2.35
C LYS A 111 -15.34 -14.97 -1.49
N ASN A 112 -14.79 -14.38 -0.43
CA ASN A 112 -15.51 -13.47 0.45
C ASN A 112 -14.92 -12.08 0.20
N TYR A 113 -15.59 -11.29 -0.61
CA TYR A 113 -14.96 -10.07 -1.09
C TYR A 113 -15.05 -8.95 -0.08
N LEU A 114 -15.74 -9.15 1.04
CA LEU A 114 -15.71 -8.22 2.17
C LEU A 114 -16.04 -6.80 1.71
N LEU A 115 -17.16 -6.68 1.01
CA LEU A 115 -17.52 -5.45 0.30
C LEU A 115 -18.42 -4.52 1.10
N THR A 116 -18.90 -4.93 2.27
CA THR A 116 -19.76 -4.12 3.13
C THR A 116 -19.21 -4.11 4.55
N PRO A 117 -19.54 -3.10 5.34
CA PRO A 117 -19.08 -3.10 6.74
C PRO A 117 -19.61 -4.29 7.54
N GLN A 118 -20.82 -4.76 7.25
CA GLN A 118 -21.33 -5.90 8.01
C GLN A 118 -20.60 -7.19 7.65
N ALA A 119 -20.29 -7.39 6.37
CA ALA A 119 -19.52 -8.57 5.99
C ALA A 119 -18.13 -8.53 6.59
N GLN A 120 -17.51 -7.35 6.60
CA GLN A 120 -16.22 -7.20 7.26
C GLN A 120 -16.33 -7.50 8.75
N ALA A 121 -17.30 -6.90 9.44
CA ALA A 121 -17.42 -7.12 10.88
C ALA A 121 -17.64 -8.61 11.18
N ASP A 122 -18.55 -9.23 10.44
CA ASP A 122 -18.82 -10.66 10.64
C ASP A 122 -17.55 -11.47 10.43
N PHE A 123 -16.82 -11.19 9.35
CA PHE A 123 -15.60 -11.95 9.12
C PHE A 123 -14.59 -11.67 10.24
N LEU A 124 -14.40 -10.40 10.59
CA LEU A 124 -13.34 -10.06 11.53
C LEU A 124 -13.61 -10.63 12.91
N ALA A 125 -14.89 -10.80 13.26
CA ALA A 125 -15.24 -11.45 14.52
C ALA A 125 -14.73 -12.88 14.56
N THR A 126 -14.63 -13.55 13.41
CA THR A 126 -14.08 -14.90 13.43
C THR A 126 -12.58 -14.87 13.69
N GLN A 127 -11.97 -13.71 13.54
CA GLN A 127 -10.56 -13.47 13.82
C GLN A 127 -10.35 -12.76 15.15
N GLY A 128 -11.37 -12.72 16.02
CA GLY A 128 -11.22 -12.16 17.34
C GLY A 128 -11.43 -10.67 17.48
N VAL A 129 -11.93 -10.00 16.45
CA VAL A 129 -12.19 -8.56 16.51
C VAL A 129 -13.64 -8.34 16.94
N ASP A 130 -13.83 -7.50 17.95
CA ASP A 130 -15.17 -7.16 18.39
C ASP A 130 -15.90 -6.39 17.30
N LYS A 131 -17.14 -6.82 17.00
CA LYS A 131 -17.86 -6.20 15.89
C LYS A 131 -18.21 -4.74 16.21
N LYS A 132 -18.64 -4.46 17.44
CA LYS A 132 -19.01 -3.08 17.76
C LYS A 132 -17.80 -2.17 17.65
N LYS A 133 -16.65 -2.60 18.18
CA LYS A 133 -15.44 -1.79 18.05
C LYS A 133 -15.08 -1.58 16.59
N PHE A 134 -15.17 -2.63 15.77
CA PHE A 134 -14.80 -2.47 14.37
C PHE A 134 -15.75 -1.54 13.65
N LEU A 135 -17.06 -1.72 13.85
CA LEU A 135 -18.02 -0.86 13.15
C LEU A 135 -17.91 0.58 13.62
N ASP A 136 -17.63 0.80 14.90
CA ASP A 136 -17.42 2.17 15.36
C ASP A 136 -16.22 2.80 14.65
N ALA A 137 -15.14 2.03 14.50
CA ALA A 137 -13.98 2.54 13.76
C ALA A 137 -14.32 2.77 12.29
N TYR A 138 -15.03 1.80 11.69
CA TYR A 138 -15.37 1.90 10.28
C TYR A 138 -16.15 3.18 9.98
N ASN A 139 -17.09 3.53 10.84
CA ASN A 139 -17.94 4.69 10.65
C ASN A 139 -17.40 5.97 11.26
N SER A 140 -16.21 5.94 11.86
CA SER A 140 -15.73 7.10 12.60
C SER A 140 -15.36 8.23 11.65
N PHE A 141 -15.45 9.47 12.16
CA PHE A 141 -15.03 10.64 11.40
C PHE A 141 -13.55 10.55 11.04
N SER A 142 -12.74 10.00 11.94
CA SER A 142 -11.30 9.94 11.71
C SER A 142 -10.99 9.04 10.51
N VAL A 143 -11.63 7.86 10.45
CA VAL A 143 -11.42 6.96 9.31
C VAL A 143 -11.97 7.58 8.03
N GLN A 144 -13.15 8.20 8.09
CA GLN A 144 -13.66 8.88 6.89
CA GLN A 144 -13.66 8.88 6.90
C GLN A 144 -12.66 9.92 6.41
N GLY A 145 -12.02 10.66 7.33
CA GLY A 145 -11.01 11.63 6.92
C GLY A 145 -9.81 10.98 6.25
N GLN A 146 -9.35 9.84 6.77
CA GLN A 146 -8.23 9.14 6.14
C GLN A 146 -8.60 8.61 4.77
N VAL A 147 -9.82 8.12 4.60
CA VAL A 147 -10.24 7.61 3.30
C VAL A 147 -10.26 8.75 2.28
N LYS A 148 -10.91 9.88 2.62
CA LYS A 148 -10.90 11.03 1.70
C LYS A 148 -9.47 11.46 1.39
N GLN A 149 -8.59 11.46 2.40
CA GLN A 149 -7.19 11.77 2.16
C GLN A 149 -6.55 10.78 1.19
N SER A 150 -6.77 9.48 1.39
CA SER A 150 -6.15 8.51 0.48
C SER A 150 -6.55 8.77 -0.97
N ALA A 151 -7.78 9.25 -1.19
CA ALA A 151 -8.22 9.53 -2.56
C ALA A 151 -7.50 10.75 -3.10
N GLU A 152 -7.26 11.75 -2.25
N GLU A 152 -7.26 11.76 -2.26
CA GLU A 152 -6.44 12.90 -2.64
CA GLU A 152 -6.45 12.88 -2.69
C GLU A 152 -5.03 12.45 -2.99
C GLU A 152 -5.02 12.43 -3.01
N LEU A 153 -4.47 11.51 -2.22
CA LEU A 153 -3.12 11.03 -2.51
C LEU A 153 -3.06 10.31 -3.86
N LEU A 154 -4.08 9.50 -4.18
CA LEU A 154 -4.15 8.89 -5.51
C LEU A 154 -3.96 9.94 -6.60
N LYS A 155 -4.66 11.07 -6.47
CA LYS A 155 -4.55 12.15 -7.44
C LYS A 155 -3.16 12.77 -7.43
N ASN A 156 -2.62 13.02 -6.24
CA ASN A 156 -1.39 13.80 -6.15
C ASN A 156 -0.18 13.03 -6.68
N TYR A 157 -0.21 11.70 -6.58
CA TYR A 157 0.86 10.85 -7.10
C TYR A 157 0.53 10.29 -8.47
N ASN A 158 -0.58 10.70 -9.08
CA ASN A 158 -0.99 10.27 -10.41
C ASN A 158 -0.97 8.75 -10.54
N ILE A 159 -1.69 8.09 -9.62
CA ILE A 159 -1.71 6.63 -9.52
C ILE A 159 -2.85 6.10 -10.37
N ASP A 160 -2.54 5.22 -11.32
CA ASP A 160 -3.58 4.63 -12.16
C ASP A 160 -3.47 3.11 -12.21
N GLY A 161 -2.68 2.51 -11.32
CA GLY A 161 -2.59 1.07 -11.22
C GLY A 161 -2.02 0.66 -9.88
N VAL A 162 -2.28 -0.59 -9.50
CA VAL A 162 -1.78 -1.16 -8.25
C VAL A 162 -1.13 -2.51 -8.50
N PRO A 163 -0.10 -2.89 -7.73
CA PRO A 163 0.52 -2.05 -6.71
C PRO A 163 1.42 -1.02 -7.37
N THR A 164 1.50 0.18 -6.82
CA THR A 164 2.49 1.16 -7.24
C THR A 164 3.33 1.52 -6.03
N ILE A 165 4.65 1.45 -6.18
CA ILE A 165 5.62 1.80 -5.15
C ILE A 165 6.16 3.19 -5.47
N VAL A 166 6.18 4.07 -4.47
CA VAL A 166 6.75 5.40 -4.64
C VAL A 166 7.91 5.57 -3.66
N VAL A 167 9.05 6.01 -4.16
CA VAL A 167 10.25 6.22 -3.36
C VAL A 167 10.55 7.71 -3.28
N GLN A 168 10.74 8.19 -2.05
CA GLN A 168 11.13 9.57 -1.74
C GLN A 168 10.22 10.58 -2.43
N GLY A 169 8.96 10.22 -2.61
CA GLY A 169 7.99 11.12 -3.21
C GLY A 169 8.28 11.49 -4.64
N LYS A 170 9.14 10.74 -5.32
CA LYS A 170 9.61 11.18 -6.62
C LYS A 170 9.72 10.10 -7.68
N TYR A 171 9.87 8.83 -7.31
CA TYR A 171 10.13 7.73 -8.24
C TYR A 171 9.09 6.64 -8.04
N LYS A 172 8.38 6.30 -9.12
CA LYS A 172 7.31 5.32 -9.09
C LYS A 172 7.74 4.08 -9.86
N THR A 173 7.45 2.91 -9.29
CA THR A 173 7.64 1.65 -10.01
C THR A 173 6.52 0.71 -9.62
N GLY A 174 6.57 -0.50 -10.14
CA GLY A 174 5.50 -1.45 -10.01
C GLY A 174 5.49 -2.36 -11.21
N PRO A 175 4.68 -3.42 -11.15
CA PRO A 175 4.67 -4.37 -12.27
C PRO A 175 4.15 -3.77 -13.56
N ALA A 176 3.37 -2.67 -13.50
CA ALA A 176 3.01 -1.98 -14.74
C ALA A 176 4.26 -1.53 -15.48
N TYR A 177 5.33 -1.25 -14.75
CA TYR A 177 6.58 -0.79 -15.32
C TYR A 177 7.56 -1.93 -15.63
N THR A 178 7.66 -2.89 -14.73
CA THR A 178 8.69 -3.93 -14.81
C THR A 178 8.18 -5.25 -15.40
N ASN A 179 6.86 -5.44 -15.45
N ASN A 179 6.87 -5.45 -15.46
CA ASN A 179 6.22 -6.68 -15.93
CA ASN A 179 6.26 -6.67 -15.96
C ASN A 179 6.59 -7.90 -15.09
C ASN A 179 6.55 -7.89 -15.08
N SER A 180 6.88 -7.68 -13.81
CA SER A 180 7.12 -8.77 -12.88
C SER A 180 7.22 -8.20 -11.47
N LEU A 181 6.80 -8.98 -10.48
CA LEU A 181 6.91 -8.53 -9.10
C LEU A 181 8.36 -8.56 -8.63
N GLU A 182 9.15 -9.56 -9.05
CA GLU A 182 10.56 -9.56 -8.68
C GLU A 182 11.24 -8.30 -9.20
N GLY A 183 10.94 -7.91 -10.44
CA GLY A 183 11.50 -6.69 -10.99
C GLY A 183 11.09 -5.45 -10.20
N THR A 184 9.84 -5.41 -9.76
CA THR A 184 9.42 -4.30 -8.90
C THR A 184 10.30 -4.22 -7.65
N ALA A 185 10.55 -5.37 -7.00
CA ALA A 185 11.39 -5.39 -5.80
C ALA A 185 12.80 -4.95 -6.11
N GLN A 186 13.36 -5.42 -7.25
CA GLN A 186 14.71 -5.02 -7.64
C GLN A 186 14.81 -3.52 -7.92
N VAL A 187 13.82 -2.95 -8.61
CA VAL A 187 13.84 -1.52 -8.87
C VAL A 187 13.71 -0.73 -7.56
N LEU A 188 12.77 -1.14 -6.70
CA LEU A 188 12.61 -0.49 -5.40
C LEU A 188 13.92 -0.47 -4.63
N ASP A 189 14.60 -1.61 -4.57
CA ASP A 189 15.85 -1.69 -3.82
C ASP A 189 16.89 -0.76 -4.41
N PHE A 190 17.01 -0.73 -5.73
CA PHE A 190 17.94 0.17 -6.41
C PHE A 190 17.61 1.63 -6.10
N LEU A 191 16.33 2.00 -6.23
CA LEU A 191 15.96 3.40 -6.01
C LEU A 191 16.32 3.85 -4.61
N VAL A 192 15.98 3.04 -3.60
CA VAL A 192 16.27 3.40 -2.22
C VAL A 192 17.77 3.57 -2.02
N LYS A 193 18.57 2.67 -2.59
CA LYS A 193 20.03 2.77 -2.47
C LYS A 193 20.55 4.02 -3.18
N GLN A 194 19.98 4.36 -4.33
CA GLN A 194 20.41 5.56 -5.05
C GLN A 194 20.05 6.80 -4.24
N VAL A 195 18.89 6.81 -3.59
CA VAL A 195 18.53 7.95 -2.76
C VAL A 195 19.48 8.05 -1.57
N GLN A 196 19.78 6.92 -0.92
CA GLN A 196 20.71 6.94 0.20
C GLN A 196 22.07 7.49 -0.21
N ASP A 197 22.55 7.10 -1.39
CA ASP A 197 23.84 7.56 -1.88
C ASP A 197 23.79 8.95 -2.52
N LYS A 198 22.65 9.62 -2.43
CA LYS A 198 22.47 10.96 -2.99
C LYS A 198 22.72 10.99 -4.50
N LYS A 199 22.40 9.89 -5.19
CA LYS A 199 22.40 9.88 -6.64
C LYS A 199 21.02 10.17 -7.24
N LEU A 200 19.96 9.95 -6.46
CA LEU A 200 18.59 10.23 -6.88
C LEU A 200 17.89 10.96 -5.73
C10 YCS B . -12.77 -8.98 -5.76
C01 YCS B . -9.55 -13.54 -6.43
C02 YCS B . -10.88 -13.34 -6.97
C03 YCS B . -11.18 -14.28 -8.14
C07 YCS B . -11.46 -11.05 -6.96
C08 YCS B . -12.82 -10.91 -7.12
C09 YCS B . -13.49 -9.87 -6.51
C11 YCS B . -11.41 -9.09 -5.59
C12 YCS B . -10.74 -10.14 -6.20
N05 YCS B . -12.55 -14.41 -8.44
O04 YCS B . -10.38 -14.89 -8.78
O06 YCS B . -10.82 -12.05 -7.56
BR13 YCS B . -13.70 -7.55 -4.93
H013 YCS B . -8.87 -13.41 -7.10
H011 YCS B . -9.46 -14.46 -6.09
H012 YCS B . -9.38 -12.93 -5.69
H021 YCS B . -11.55 -13.48 -6.29
H081 YCS B . -13.31 -11.51 -7.63
H091 YCS B . -14.41 -9.76 -6.60
H111 YCS B . -10.96 -8.46 -5.06
H121 YCS B . -9.83 -10.21 -6.07
H052 YCS B . -12.74 -14.94 -9.09
H051 YCS B . -13.21 -14.03 -8.05
#